data_3K6O
#
_entry.id   3K6O
#
_cell.length_a   157.670
_cell.length_b   51.245
_cell.length_c   112.783
_cell.angle_alpha   90.000
_cell.angle_beta   135.030
_cell.angle_gamma   90.000
#
_symmetry.space_group_name_H-M   'C 1 2 1'
#
loop_
_entity.id
_entity.type
_entity.pdbx_description
1 polymer 'uncharacterized protein DUF1344'
2 non-polymer 'TETRAETHYLENE GLYCOL'
3 non-polymer 'SULFATE ION'
4 water water
#
_entity_poly.entity_id   1
_entity_poly.type   'polypeptide(L)'
_entity_poly.pdbx_seq_one_letter_code
;GSSCGNDESDPDSTVTIA(MSE)ATVEKQPQYDAPYLVLDNGEKLWVVQHIVPYRDLKAGERIFGNYSFLEAGESGFAYN
IRLNDYTLVPVQKIIGLNPDN(MSE)DSIGN(MSE)KVQIKD(MSE)WPSDDYLNVRF(MSE)LNFPSPQKPILNLVVNE
(MSE)IPWTKDGYAHLELRYNNNGSQGRLVPG(MSE)VSFKLDDYSPENSELKGIKVLVNPVDGEEKTYIFSYPLTGEDV
PGFNPLDLAELK
;
_entity_poly.pdbx_strand_id   A,B
#
# COMPACT_ATOMS: atom_id res chain seq x y z
N THR A 14 -38.70 -7.75 8.90
CA THR A 14 -39.31 -6.87 9.97
C THR A 14 -38.36 -5.82 10.60
N VAL A 15 -37.06 -5.93 10.34
CA VAL A 15 -36.10 -4.94 10.81
C VAL A 15 -35.26 -4.58 9.62
N THR A 16 -34.70 -3.37 9.62
CA THR A 16 -33.81 -2.91 8.58
C THR A 16 -32.41 -2.83 9.14
N ILE A 17 -31.46 -3.47 8.47
CA ILE A 17 -30.07 -3.30 8.81
C ILE A 17 -29.46 -2.34 7.77
N ALA A 18 -29.10 -1.12 8.20
CA ALA A 18 -28.57 -0.12 7.27
C ALA A 18 -27.65 0.91 7.93
N ALA A 20 -26.26 4.68 8.80
CA ALA A 20 -26.82 5.96 9.12
C ALA A 20 -25.75 6.88 9.67
N THR A 21 -26.02 8.16 9.63
CA THR A 21 -25.13 9.14 10.20
C THR A 21 -25.90 9.86 11.28
N VAL A 22 -25.29 9.98 12.43
CA VAL A 22 -25.86 10.71 13.54
C VAL A 22 -25.81 12.21 13.22
N GLU A 23 -26.87 12.92 13.53
CA GLU A 23 -26.85 14.36 13.45
C GLU A 23 -27.55 14.93 14.66
N LYS A 24 -27.31 16.22 14.90
CA LYS A 24 -27.89 16.96 15.99
C LYS A 24 -28.21 18.38 15.55
N GLN A 25 -29.28 18.93 16.10
CA GLN A 25 -29.56 20.35 15.95
C GLN A 25 -30.03 20.89 17.29
N PRO A 26 -29.74 22.18 17.56
CA PRO A 26 -29.95 22.82 18.87
C PRO A 26 -31.37 22.72 19.37
N GLN A 27 -32.34 22.76 18.48
CA GLN A 27 -33.75 22.82 18.89
C GLN A 27 -34.28 21.45 19.40
N TYR A 28 -33.55 20.37 19.12
CA TYR A 28 -33.94 19.02 19.59
C TYR A 28 -33.12 18.65 20.83
N ASP A 29 -33.60 17.69 21.63
CA ASP A 29 -32.90 17.32 22.86
C ASP A 29 -32.25 15.91 22.83
N ALA A 30 -32.08 15.35 21.63
CA ALA A 30 -31.49 14.05 21.45
C ALA A 30 -30.84 13.98 20.04
N PRO A 31 -29.79 13.17 19.88
CA PRO A 31 -29.29 12.91 18.54
C PRO A 31 -30.31 12.08 17.74
N TYR A 32 -30.27 12.27 16.43
CA TYR A 32 -31.15 11.58 15.52
C TYR A 32 -30.30 10.99 14.44
N LEU A 33 -30.91 10.15 13.62
CA LEU A 33 -30.19 9.41 12.60
C LEU A 33 -30.64 9.88 11.22
N VAL A 34 -29.70 9.95 10.28
CA VAL A 34 -30.02 10.29 8.90
C VAL A 34 -29.61 9.11 8.04
N LEU A 35 -30.56 8.50 7.34
CA LEU A 35 -30.25 7.43 6.38
C LEU A 35 -29.53 8.04 5.18
N ASP A 36 -28.88 7.22 4.38
CA ASP A 36 -28.09 7.75 3.26
C ASP A 36 -29.01 8.34 2.17
N ASN A 37 -30.26 7.90 2.10
CA ASN A 37 -31.25 8.53 1.22
C ASN A 37 -31.78 9.85 1.74
N GLY A 38 -31.19 10.33 2.84
CA GLY A 38 -31.60 11.64 3.39
C GLY A 38 -32.79 11.67 4.33
N GLU A 39 -33.45 10.54 4.55
CA GLU A 39 -34.54 10.54 5.52
C GLU A 39 -34.03 10.59 6.95
N LYS A 40 -34.68 11.41 7.77
CA LYS A 40 -34.28 11.61 9.15
C LYS A 40 -35.18 10.78 10.02
N LEU A 41 -34.55 10.05 10.93
CA LEU A 41 -35.25 9.13 11.82
C LEU A 41 -35.18 9.62 13.25
N TRP A 42 -36.35 9.73 13.90
CA TRP A 42 -36.40 10.04 15.30
C TRP A 42 -36.45 8.78 16.17
N VAL A 43 -35.55 8.69 17.15
CA VAL A 43 -35.49 7.52 18.04
C VAL A 43 -36.48 7.62 19.20
N VAL A 44 -37.54 6.80 19.18
CA VAL A 44 -38.52 6.83 20.25
C VAL A 44 -38.37 5.62 21.18
N GLN A 45 -37.69 4.56 20.73
CA GLN A 45 -37.33 3.44 21.59
C GLN A 45 -35.89 3.04 21.26
N HIS A 46 -35.16 2.58 22.27
CA HIS A 46 -33.81 2.09 22.08
C HIS A 46 -33.54 0.91 23.02
N ILE A 47 -32.82 -0.10 22.52
CA ILE A 47 -32.47 -1.29 23.29
C ILE A 47 -30.98 -1.20 23.69
N VAL A 48 -30.23 -0.36 22.95
CA VAL A 48 -28.85 -0.07 23.27
C VAL A 48 -28.68 1.44 23.43
N PRO A 49 -27.62 1.87 24.12
CA PRO A 49 -27.39 3.30 24.38
C PRO A 49 -27.23 4.09 23.10
N TYR A 50 -27.78 5.29 23.05
CA TYR A 50 -27.59 6.15 21.90
C TYR A 50 -27.46 7.63 22.22
N ARG A 51 -27.80 8.06 23.43
CA ARG A 51 -27.92 9.50 23.72
C ARG A 51 -26.62 10.28 23.59
N ASP A 52 -25.51 9.55 23.72
CA ASP A 52 -24.22 10.24 23.67
CA ASP A 52 -24.13 10.01 23.69
C ASP A 52 -23.54 10.18 22.30
N LEU A 53 -24.29 9.75 21.27
CA LEU A 53 -23.76 9.78 19.93
C LEU A 53 -23.62 11.23 19.51
N LYS A 54 -22.58 11.51 18.75
CA LYS A 54 -22.25 12.85 18.32
C LYS A 54 -22.48 12.99 16.83
N ALA A 55 -22.78 14.20 16.42
CA ALA A 55 -23.00 14.54 15.02
C ALA A 55 -21.82 14.10 14.20
N GLY A 56 -22.08 13.48 13.05
CA GLY A 56 -21.04 13.03 12.15
C GLY A 56 -20.60 11.61 12.40
N GLU A 57 -20.90 11.04 13.56
CA GLU A 57 -20.56 9.65 13.75
C GLU A 57 -21.41 8.80 12.81
N ARG A 58 -20.82 7.71 12.36
CA ARG A 58 -21.44 6.84 11.41
C ARG A 58 -21.74 5.50 12.09
N ILE A 59 -22.93 4.95 11.84
CA ILE A 59 -23.26 3.62 12.37
C ILE A 59 -23.79 2.66 11.30
N PHE A 60 -23.63 1.36 11.59
CA PHE A 60 -24.30 0.29 10.84
C PHE A 60 -25.31 -0.23 11.85
N GLY A 61 -26.58 0.02 11.58
CA GLY A 61 -27.60 -0.14 12.60
C GLY A 61 -28.73 -1.07 12.27
N ASN A 62 -29.48 -1.42 13.31
CA ASN A 62 -30.65 -2.27 13.25
C ASN A 62 -31.88 -1.48 13.72
N TYR A 63 -32.78 -1.14 12.80
CA TYR A 63 -33.94 -0.28 13.07
C TYR A 63 -35.24 -1.01 12.84
N SER A 64 -36.25 -0.65 13.63
CA SER A 64 -37.64 -0.98 13.39
C SER A 64 -38.41 0.29 13.15
N PHE A 65 -39.04 0.37 12.00
CA PHE A 65 -39.76 1.58 11.66
C PHE A 65 -41.15 1.46 12.23
N LEU A 66 -41.46 2.26 13.25
CA LEU A 66 -42.68 2.08 14.02
C LEU A 66 -43.88 2.86 13.46
N GLU A 67 -43.63 4.05 12.92
CA GLU A 67 -44.70 4.86 12.36
C GLU A 67 -44.14 6.12 11.67
N ALA A 68 -44.95 6.76 10.85
CA ALA A 68 -44.59 8.05 10.28
C ALA A 68 -44.23 9.02 11.40
N GLY A 69 -43.33 9.95 11.13
CA GLY A 69 -42.85 10.88 12.15
C GLY A 69 -43.55 12.22 12.18
N GLU A 70 -42.76 13.28 12.33
CA GLU A 70 -43.27 14.61 12.63
C GLU A 70 -42.11 15.55 12.57
N SER A 71 -42.39 16.83 12.37
CA SER A 71 -41.42 17.89 12.54
C SER A 71 -40.17 17.68 11.68
N GLY A 72 -40.36 17.03 10.52
CA GLY A 72 -39.31 16.76 9.52
C GLY A 72 -38.64 15.39 9.61
N PHE A 73 -39.02 14.58 10.63
CA PHE A 73 -38.50 13.23 10.74
C PHE A 73 -39.45 12.34 10.00
N ALA A 74 -38.93 11.63 9.01
CA ALA A 74 -39.73 10.78 8.18
C ALA A 74 -40.42 9.68 9.00
N TYR A 75 -39.67 9.08 9.93
CA TYR A 75 -40.14 7.98 10.75
C TYR A 75 -39.65 8.07 12.19
N ASN A 76 -40.46 7.52 13.10
CA ASN A 76 -40.08 7.26 14.48
C ASN A 76 -39.67 5.82 14.52
N ILE A 77 -38.51 5.54 15.11
CA ILE A 77 -37.96 4.18 15.10
C ILE A 77 -37.61 3.65 16.49
N ARG A 78 -37.46 2.33 16.55
CA ARG A 78 -36.77 1.69 17.65
C ARG A 78 -35.36 1.38 17.15
N LEU A 79 -34.37 1.78 17.93
CA LEU A 79 -32.99 1.47 17.63
C LEU A 79 -32.65 0.18 18.37
N ASN A 80 -32.62 -0.94 17.64
CA ASN A 80 -32.44 -2.27 18.23
C ASN A 80 -30.96 -2.58 18.56
N ASP A 81 -30.04 -2.04 17.79
CA ASP A 81 -28.62 -2.36 17.89
C ASP A 81 -27.88 -1.54 16.87
N TYR A 82 -26.58 -1.40 17.07
CA TYR A 82 -25.74 -0.87 16.03
C TYR A 82 -24.27 -1.14 16.33
N THR A 83 -23.42 -0.85 15.37
CA THR A 83 -21.99 -0.80 15.61
C THR A 83 -21.43 0.47 15.00
N LEU A 84 -20.39 1.02 15.61
CA LEU A 84 -19.76 2.23 15.08
C LEU A 84 -18.97 1.90 13.84
N VAL A 85 -19.07 2.78 12.86
CA VAL A 85 -18.29 2.65 11.63
C VAL A 85 -17.29 3.79 11.55
N PRO A 86 -15.98 3.48 11.48
CA PRO A 86 -15.03 4.57 11.37
C PRO A 86 -15.19 5.36 10.07
N VAL A 87 -15.01 6.67 10.15
CA VAL A 87 -15.11 7.56 9.02
C VAL A 87 -13.72 8.05 8.73
N GLN A 88 -13.22 7.83 7.51
CA GLN A 88 -11.87 8.24 7.08
C GLN A 88 -11.92 9.28 6.00
N LYS A 89 -10.92 10.15 6.01
CA LYS A 89 -10.77 11.14 4.95
C LYS A 89 -10.04 10.50 3.78
N ILE A 90 -10.32 10.98 2.59
CA ILE A 90 -9.44 10.78 1.43
C ILE A 90 -8.06 11.41 1.71
N ILE A 91 -7.02 10.75 1.24
CA ILE A 91 -5.67 11.32 1.30
C ILE A 91 -5.02 11.34 -0.08
N GLY A 92 -3.94 12.11 -0.18
CA GLY A 92 -3.12 12.19 -1.40
C GLY A 92 -2.06 11.11 -1.38
N LEU A 93 -1.94 10.39 -2.49
CA LEU A 93 -0.88 9.42 -2.68
C LEU A 93 0.18 10.05 -3.58
N ASN A 94 1.41 10.16 -3.08
CA ASN A 94 2.50 10.80 -3.80
C ASN A 94 3.76 9.93 -3.67
N PRO A 95 4.85 10.25 -4.39
CA PRO A 95 6.04 9.40 -4.31
C PRO A 95 6.62 9.23 -2.91
N ASP A 96 6.48 10.24 -2.05
CA ASP A 96 7.05 10.15 -0.69
C ASP A 96 6.32 9.21 0.28
N ASN A 97 5.00 9.24 0.27
CA ASN A 97 4.20 8.38 1.15
C ASN A 97 3.74 7.06 0.48
N ASP A 99 5.25 4.28 -0.21
CA ASP A 99 5.70 3.07 0.41
C ASP A 99 4.91 2.77 1.68
N SER A 100 4.65 3.81 2.48
CA SER A 100 3.92 3.61 3.73
CA SER A 100 3.91 3.65 3.73
C SER A 100 2.42 3.37 3.47
N ILE A 101 1.89 3.85 2.36
CA ILE A 101 0.49 3.59 2.04
C ILE A 101 0.29 2.13 1.52
N GLY A 102 1.21 1.64 0.71
CA GLY A 102 1.20 0.26 0.28
C GLY A 102 0.16 0.00 -0.80
N ASN A 103 0.08 -1.26 -1.23
CA ASN A 103 -0.95 -1.70 -2.13
C ASN A 103 -1.05 -3.22 -2.05
N LYS A 105 -2.76 -6.98 -1.25
CA LYS A 105 -4.00 -7.60 -1.63
C LYS A 105 -4.98 -7.58 -0.47
N VAL A 106 -6.23 -7.24 -0.76
CA VAL A 106 -7.30 -7.17 0.23
C VAL A 106 -8.56 -7.85 -0.35
N GLN A 107 -9.35 -8.46 0.55
CA GLN A 107 -10.64 -9.08 0.19
C GLN A 107 -11.77 -8.11 0.44
N ILE A 108 -12.43 -7.67 -0.62
CA ILE A 108 -13.57 -6.78 -0.52
C ILE A 108 -14.86 -7.61 -0.50
N LYS A 109 -15.68 -7.44 0.51
CA LYS A 109 -17.00 -8.10 0.57
C LYS A 109 -18.11 -7.20 0.02
N ASP A 110 -18.09 -5.90 0.31
CA ASP A 110 -19.04 -4.96 -0.30
C ASP A 110 -18.36 -3.62 -0.55
N TRP A 112 -19.84 0.32 -2.06
CA TRP A 112 -20.81 1.15 -2.75
C TRP A 112 -20.69 2.59 -2.29
N PRO A 113 -20.93 3.53 -3.19
CA PRO A 113 -21.02 4.93 -2.80
C PRO A 113 -22.43 5.29 -2.37
N SER A 114 -22.51 6.24 -1.47
CA SER A 114 -23.72 6.94 -1.14
C SER A 114 -23.45 8.43 -1.43
N ASP A 115 -24.40 9.30 -1.09
CA ASP A 115 -24.25 10.72 -1.37
C ASP A 115 -22.98 11.28 -0.77
N ASP A 116 -22.60 10.81 0.41
CA ASP A 116 -21.48 11.42 1.13
C ASP A 116 -20.28 10.53 1.29
N TYR A 117 -20.44 9.22 1.08
CA TYR A 117 -19.36 8.27 1.42
C TYR A 117 -19.12 7.18 0.42
N LEU A 118 -17.89 6.71 0.35
CA LEU A 118 -17.61 5.39 -0.19
C LEU A 118 -17.59 4.40 0.99
N ASN A 119 -18.51 3.45 0.92
CA ASN A 119 -18.74 2.46 1.97
C ASN A 119 -18.12 1.16 1.56
N VAL A 120 -17.28 0.64 2.44
CA VAL A 120 -16.57 -0.60 2.16
C VAL A 120 -16.70 -1.59 3.34
N ARG A 121 -17.14 -2.81 3.06
CA ARG A 121 -17.06 -3.89 4.00
C ARG A 121 -15.98 -4.79 3.47
N PHE A 122 -15.04 -5.16 4.34
CA PHE A 122 -13.85 -5.88 3.89
C PHE A 122 -13.24 -6.71 4.99
N LEU A 124 -9.84 -7.73 7.09
CA LEU A 124 -8.51 -7.26 7.48
C LEU A 124 -7.87 -8.22 8.45
N ASN A 125 -6.54 -8.26 8.42
CA ASN A 125 -5.81 -9.14 9.28
C ASN A 125 -5.96 -8.68 10.73
N PHE A 126 -6.26 -9.61 11.64
CA PHE A 126 -6.28 -9.29 13.06
C PHE A 126 -4.95 -8.65 13.48
N PRO A 127 -5.01 -7.59 14.30
CA PRO A 127 -3.80 -6.93 14.80
C PRO A 127 -2.89 -7.86 15.61
N SER A 128 -1.65 -7.97 15.15
CA SER A 128 -0.69 -8.94 15.64
C SER A 128 0.75 -8.41 15.44
N PRO A 129 1.09 -7.24 16.05
CA PRO A 129 0.20 -6.34 16.82
C PRO A 129 -0.34 -5.14 16.03
N GLN A 130 0.42 -4.66 15.04
CA GLN A 130 0.00 -3.48 14.25
C GLN A 130 -1.42 -3.62 13.67
N LYS A 131 -2.22 -2.58 13.80
CA LYS A 131 -3.58 -2.57 13.26
C LYS A 131 -3.57 -2.13 11.78
N PRO A 132 -4.04 -3.00 10.84
CA PRO A 132 -3.98 -2.67 9.40
C PRO A 132 -4.71 -1.39 9.00
N ILE A 133 -4.25 -0.81 7.87
CA ILE A 133 -4.82 0.41 7.28
C ILE A 133 -5.43 0.14 5.90
N LEU A 134 -6.65 0.62 5.72
CA LEU A 134 -7.26 0.76 4.42
C LEU A 134 -7.46 2.26 4.11
N ASN A 135 -6.81 2.75 3.05
CA ASN A 135 -7.01 4.13 2.60
C ASN A 135 -7.66 4.26 1.20
N LEU A 136 -8.30 5.38 0.99
CA LEU A 136 -8.86 5.78 -0.30
C LEU A 136 -8.09 7.00 -0.75
N VAL A 137 -7.34 6.86 -1.84
CA VAL A 137 -6.37 7.85 -2.17
C VAL A 137 -6.63 8.44 -3.52
N VAL A 138 -6.21 9.68 -3.70
CA VAL A 138 -6.01 10.28 -5.01
C VAL A 138 -4.58 10.08 -5.46
N ASN A 139 -4.39 9.42 -6.58
CA ASN A 139 -3.05 9.11 -7.06
C ASN A 139 -2.48 10.32 -7.77
N GLU A 140 -1.53 11.00 -7.13
CA GLU A 140 -0.96 12.22 -7.65
C GLU A 140 0.23 11.99 -8.58
N ILE A 142 0.08 10.01 -11.58
CA ILE A 142 -0.38 9.64 -12.90
C ILE A 142 -1.13 10.83 -13.52
N PRO A 143 -1.27 10.87 -14.85
CA PRO A 143 -1.93 12.03 -15.46
C PRO A 143 -3.43 12.16 -15.18
N TRP A 144 -3.95 13.36 -15.42
CA TRP A 144 -5.42 13.58 -15.51
C TRP A 144 -6.03 12.65 -16.53
N THR A 145 -7.23 12.17 -16.22
CA THR A 145 -8.05 11.46 -17.20
C THR A 145 -9.03 12.40 -17.88
N LYS A 146 -9.44 12.05 -19.10
CA LYS A 146 -10.34 12.93 -19.84
C LYS A 146 -11.82 12.65 -19.61
N ASP A 147 -12.16 11.66 -18.80
CA ASP A 147 -13.42 10.92 -19.03
C ASP A 147 -14.61 11.36 -18.20
N GLY A 148 -14.43 12.40 -17.40
CA GLY A 148 -15.51 12.91 -16.52
C GLY A 148 -15.83 12.09 -15.27
N TYR A 149 -15.06 11.06 -14.97
CA TYR A 149 -15.20 10.25 -13.77
C TYR A 149 -14.14 10.65 -12.77
N ALA A 150 -14.48 10.53 -11.48
CA ALA A 150 -13.51 10.61 -10.41
C ALA A 150 -12.70 9.31 -10.43
N HIS A 151 -11.38 9.41 -10.30
CA HIS A 151 -10.52 8.26 -10.16
C HIS A 151 -9.78 8.22 -8.80
N LEU A 152 -10.11 7.20 -8.01
CA LEU A 152 -9.58 6.98 -6.65
C LEU A 152 -9.03 5.56 -6.55
N GLU A 153 -8.20 5.32 -5.53
CA GLU A 153 -7.70 3.97 -5.34
C GLU A 153 -7.80 3.58 -3.90
N LEU A 154 -8.18 2.35 -3.66
CA LEU A 154 -8.16 1.80 -2.33
C LEU A 154 -6.83 1.10 -2.14
N ARG A 155 -6.14 1.43 -1.06
CA ARG A 155 -4.82 0.92 -0.77
C ARG A 155 -4.85 0.25 0.60
N TYR A 156 -4.54 -1.04 0.66
CA TYR A 156 -4.48 -1.78 1.92
C TYR A 156 -3.03 -2.02 2.35
N ASN A 157 -2.78 -1.87 3.64
CA ASN A 157 -1.50 -2.20 4.22
C ASN A 157 -1.74 -2.96 5.51
N ASN A 158 -1.26 -4.21 5.60
CA ASN A 158 -1.46 -5.00 6.82
C ASN A 158 -0.46 -4.66 7.90
N ASN A 159 0.54 -3.85 7.55
CA ASN A 159 1.49 -3.34 8.51
C ASN A 159 2.11 -4.51 9.29
N GLY A 160 2.56 -5.54 8.58
CA GLY A 160 3.18 -6.72 9.22
C GLY A 160 2.24 -7.77 9.78
N SER A 161 1.01 -7.39 10.13
CA SER A 161 0.03 -8.34 10.69
C SER A 161 -0.49 -9.34 9.65
N GLN A 162 0.01 -10.57 9.76
CA GLN A 162 -0.32 -11.66 8.85
C GLN A 162 -1.45 -12.54 9.41
N GLY A 163 -2.01 -12.14 10.56
CA GLY A 163 -2.96 -12.98 11.28
C GLY A 163 -4.27 -13.31 10.58
N ARG A 164 -5.19 -13.91 11.35
CA ARG A 164 -6.49 -14.34 10.86
C ARG A 164 -7.34 -13.16 10.39
N LEU A 165 -8.08 -13.35 9.29
CA LEU A 165 -8.95 -12.31 8.75
C LEU A 165 -10.24 -12.10 9.57
N VAL A 166 -10.60 -10.83 9.76
CA VAL A 166 -11.84 -10.44 10.45
C VAL A 166 -12.57 -9.34 9.66
N PRO A 167 -13.91 -9.23 9.82
CA PRO A 167 -14.67 -8.29 8.99
C PRO A 167 -14.51 -6.89 9.49
N GLY A 168 -14.62 -5.91 8.59
CA GLY A 168 -14.42 -4.51 8.94
C GLY A 168 -15.27 -3.70 8.01
N VAL A 170 -15.79 0.52 6.84
CA VAL A 170 -15.31 1.88 6.89
C VAL A 170 -16.09 2.71 5.86
N SER A 171 -16.25 4.00 6.19
CA SER A 171 -16.87 4.96 5.30
C SER A 171 -15.86 6.06 5.03
N PHE A 172 -15.54 6.30 3.75
CA PHE A 172 -14.65 7.37 3.34
C PHE A 172 -15.47 8.53 2.90
N LYS A 173 -15.24 9.71 3.47
CA LYS A 173 -15.89 10.91 3.00
C LYS A 173 -15.44 11.27 1.59
N LEU A 174 -16.40 11.39 0.68
CA LEU A 174 -16.10 11.64 -0.74
C LEU A 174 -15.72 13.09 -1.05
N ASP A 175 -16.34 14.01 -0.31
CA ASP A 175 -16.18 15.44 -0.45
C ASP A 175 -16.30 15.81 -1.91
N ASP A 176 -15.21 16.29 -2.55
CA ASP A 176 -15.38 16.83 -3.89
C ASP A 176 -15.60 15.69 -4.89
N TYR A 177 -15.35 14.43 -4.51
CA TYR A 177 -15.53 13.27 -5.40
C TYR A 177 -16.94 12.64 -5.31
N SER A 178 -17.85 13.28 -4.57
CA SER A 178 -19.17 12.73 -4.34
C SER A 178 -20.16 13.10 -5.43
N PRO A 179 -21.35 12.50 -5.41
CA PRO A 179 -22.34 12.80 -6.42
C PRO A 179 -22.94 14.19 -6.36
N GLU A 180 -22.64 14.92 -5.29
CA GLU A 180 -23.00 16.33 -5.22
C GLU A 180 -22.12 17.20 -6.09
N ASN A 181 -20.96 16.69 -6.56
CA ASN A 181 -20.23 17.38 -7.60
C ASN A 181 -20.90 17.16 -8.95
N SER A 182 -21.48 18.21 -9.51
CA SER A 182 -22.29 18.07 -10.70
C SER A 182 -21.45 17.84 -11.96
N GLU A 183 -20.17 18.10 -11.94
CA GLU A 183 -19.33 17.80 -13.11
C GLU A 183 -18.97 16.30 -13.20
N LEU A 184 -19.30 15.47 -12.21
CA LEU A 184 -18.83 14.05 -12.27
C LEU A 184 -19.87 13.10 -12.87
N LYS A 185 -19.42 12.31 -13.83
CA LYS A 185 -20.21 11.25 -14.44
C LYS A 185 -20.30 10.01 -13.54
N GLY A 186 -19.39 9.92 -12.57
CA GLY A 186 -19.32 8.77 -11.65
C GLY A 186 -17.95 8.64 -11.02
N ILE A 187 -17.70 7.50 -10.39
CA ILE A 187 -16.45 7.28 -9.70
C ILE A 187 -15.91 5.91 -10.06
N LYS A 188 -14.60 5.84 -10.22
CA LYS A 188 -13.89 4.60 -10.49
C LYS A 188 -12.89 4.36 -9.37
N VAL A 189 -12.94 3.17 -8.79
CA VAL A 189 -12.13 2.82 -7.65
C VAL A 189 -11.25 1.58 -7.93
N LEU A 190 -9.93 1.76 -7.88
CA LEU A 190 -8.99 0.68 -8.15
C LEU A 190 -8.71 -0.13 -6.88
N VAL A 191 -8.73 -1.44 -7.03
CA VAL A 191 -8.53 -2.37 -5.93
C VAL A 191 -7.55 -3.46 -6.34
N ASN A 192 -6.68 -3.79 -5.41
CA ASN A 192 -5.80 -4.93 -5.57
C ASN A 192 -6.41 -6.08 -4.77
N PRO A 193 -7.04 -7.03 -5.45
CA PRO A 193 -7.86 -8.04 -4.78
C PRO A 193 -7.09 -9.29 -4.39
N VAL A 194 -7.48 -9.97 -3.31
CA VAL A 194 -6.79 -11.22 -2.89
C VAL A 194 -6.86 -12.34 -3.92
N ASP A 195 -8.03 -12.57 -4.49
CA ASP A 195 -8.11 -13.58 -5.58
C ASP A 195 -8.43 -12.71 -6.80
N GLY A 196 -7.44 -12.64 -7.69
CA GLY A 196 -7.55 -11.83 -8.89
C GLY A 196 -6.43 -10.83 -9.09
N GLU A 197 -6.63 -9.97 -10.07
CA GLU A 197 -5.63 -9.01 -10.46
C GLU A 197 -6.26 -7.64 -10.27
N GLU A 198 -5.45 -6.60 -10.24
CA GLU A 198 -5.93 -5.24 -10.00
C GLU A 198 -7.16 -5.02 -10.85
N LYS A 199 -8.24 -4.50 -10.27
CA LYS A 199 -9.49 -4.26 -11.00
C LYS A 199 -10.15 -2.93 -10.63
N THR A 200 -11.02 -2.44 -11.49
CA THR A 200 -11.72 -1.16 -11.29
C THR A 200 -13.18 -1.35 -10.99
N TYR A 201 -13.63 -0.90 -9.82
CA TYR A 201 -15.06 -0.80 -9.55
C TYR A 201 -15.52 0.51 -10.20
N ILE A 202 -16.62 0.47 -10.95
CA ILE A 202 -17.16 1.63 -11.65
C ILE A 202 -18.57 1.88 -11.07
N PHE A 203 -18.82 3.09 -10.60
CA PHE A 203 -20.18 3.48 -10.19
C PHE A 203 -20.57 4.76 -10.92
N SER A 204 -21.65 4.74 -11.69
CA SER A 204 -22.09 5.94 -12.37
C SER A 204 -22.86 6.83 -11.42
N TYR A 205 -22.81 8.13 -11.69
CA TYR A 205 -23.62 9.14 -10.97
C TYR A 205 -24.68 9.58 -11.97
N PRO A 206 -25.91 9.89 -11.51
CA PRO A 206 -26.39 9.91 -10.12
C PRO A 206 -26.63 8.51 -9.56
N LEU A 207 -26.67 8.43 -8.24
CA LEU A 207 -27.02 7.20 -7.54
C LEU A 207 -28.55 7.12 -7.41
N THR A 208 -29.11 5.99 -7.88
CA THR A 208 -30.55 5.71 -7.77
C THR A 208 -30.91 4.91 -6.52
N GLY A 209 -29.90 4.36 -5.83
CA GLY A 209 -30.10 3.42 -4.72
C GLY A 209 -29.89 1.93 -5.09
N GLU A 210 -29.73 1.65 -6.39
CA GLU A 210 -29.56 0.27 -6.88
C GLU A 210 -28.18 -0.31 -6.51
N ASP A 211 -27.23 0.54 -6.18
CA ASP A 211 -25.92 0.10 -5.79
C ASP A 211 -25.87 -0.41 -4.33
N VAL A 212 -26.88 -0.13 -3.52
CA VAL A 212 -26.82 -0.40 -2.08
C VAL A 212 -27.07 -1.89 -1.82
N PRO A 213 -26.11 -2.60 -1.17
CA PRO A 213 -26.36 -4.01 -0.88
C PRO A 213 -27.42 -4.19 0.19
N GLY A 214 -28.15 -5.29 0.16
CA GLY A 214 -29.01 -5.70 1.29
C GLY A 214 -28.19 -6.36 2.39
N PHE A 215 -28.50 -6.07 3.65
CA PHE A 215 -27.77 -6.69 4.77
C PHE A 215 -28.73 -7.38 5.71
N ASN A 216 -28.21 -8.27 6.55
CA ASN A 216 -29.03 -8.84 7.62
C ASN A 216 -28.33 -8.82 9.00
N PRO A 217 -29.04 -9.25 10.06
CA PRO A 217 -28.44 -9.16 11.40
C PRO A 217 -27.07 -9.82 11.57
N LEU A 218 -26.83 -10.93 10.90
CA LEU A 218 -25.53 -11.58 11.00
C LEU A 218 -24.44 -10.65 10.54
N ASP A 219 -24.75 -9.86 9.50
CA ASP A 219 -23.76 -8.93 8.93
C ASP A 219 -23.33 -7.95 10.01
N LEU A 220 -24.30 -7.45 10.76
CA LEU A 220 -24.02 -6.56 11.88
C LEU A 220 -23.33 -7.31 13.05
N ALA A 221 -23.87 -8.47 13.44
CA ALA A 221 -23.26 -9.27 14.52
C ALA A 221 -21.78 -9.57 14.25
N GLU A 222 -21.47 -10.04 13.05
CA GLU A 222 -20.07 -10.29 12.66
C GLU A 222 -19.10 -9.12 12.91
N LEU A 223 -19.59 -7.87 12.93
CA LEU A 223 -18.69 -6.69 13.02
C LEU A 223 -18.39 -6.21 14.44
N LYS A 224 -19.02 -6.80 15.44
CA LYS A 224 -18.74 -6.47 16.84
C LYS A 224 -17.57 -7.29 17.34
N THR B 14 30.10 -23.48 -8.13
CA THR B 14 29.90 -24.32 -6.89
C THR B 14 29.00 -23.64 -5.82
N VAL B 15 29.20 -22.34 -5.58
CA VAL B 15 28.39 -21.59 -4.62
C VAL B 15 27.68 -20.52 -5.41
N THR B 16 26.61 -19.95 -4.85
CA THR B 16 25.85 -18.91 -5.52
C THR B 16 25.90 -17.64 -4.71
N ILE B 17 26.30 -16.55 -5.37
CA ILE B 17 26.30 -15.23 -4.78
C ILE B 17 25.08 -14.50 -5.36
N ALA B 18 24.16 -14.12 -4.49
CA ALA B 18 22.92 -13.52 -4.97
C ALA B 18 22.21 -12.81 -3.86
N ALA B 20 18.96 -11.81 -1.59
CA ALA B 20 17.80 -12.44 -0.99
C ALA B 20 17.13 -11.46 -0.05
N THR B 21 15.87 -11.72 0.25
CA THR B 21 15.17 -11.02 1.29
C THR B 21 14.79 -12.00 2.39
N VAL B 22 15.03 -11.59 3.64
CA VAL B 22 14.72 -12.40 4.80
C VAL B 22 13.23 -12.36 5.01
N GLU B 23 12.64 -13.48 5.37
CA GLU B 23 11.24 -13.46 5.81
C GLU B 23 11.10 -14.42 6.96
N LYS B 24 9.97 -14.31 7.65
CA LYS B 24 9.62 -15.16 8.77
C LYS B 24 8.12 -15.42 8.74
N GLN B 25 7.71 -16.58 9.20
CA GLN B 25 6.30 -16.92 9.48
C GLN B 25 6.25 -17.62 10.83
N PRO B 26 5.15 -17.42 11.57
CA PRO B 26 5.13 -17.86 12.97
C PRO B 26 5.17 -19.35 13.13
N GLN B 27 4.74 -20.08 12.12
CA GLN B 27 4.79 -21.51 12.26
C GLN B 27 6.23 -22.07 12.18
N TYR B 28 7.20 -21.27 11.72
CA TYR B 28 8.61 -21.73 11.66
C TYR B 28 9.41 -21.15 12.81
N ASP B 29 10.54 -21.78 13.14
CA ASP B 29 11.34 -21.32 14.27
C ASP B 29 12.68 -20.62 13.92
N ALA B 30 12.81 -20.15 12.70
CA ALA B 30 14.03 -19.50 12.24
C ALA B 30 13.67 -18.66 11.04
N PRO B 31 14.40 -17.57 10.82
CA PRO B 31 14.19 -16.88 9.58
C PRO B 31 14.68 -17.68 8.38
N TYR B 32 14.07 -17.42 7.22
CA TYR B 32 14.39 -18.07 5.96
C TYR B 32 14.64 -16.99 4.95
N LEU B 33 15.03 -17.39 3.75
CA LEU B 33 15.45 -16.47 2.75
C LEU B 33 14.59 -16.66 1.54
N VAL B 34 14.25 -15.58 0.87
CA VAL B 34 13.50 -15.63 -0.38
C VAL B 34 14.38 -15.03 -1.46
N LEU B 35 14.69 -15.82 -2.46
CA LEU B 35 15.41 -15.32 -3.61
C LEU B 35 14.51 -14.40 -4.42
N ASP B 36 15.11 -13.62 -5.32
CA ASP B 36 14.28 -12.67 -6.08
C ASP B 36 13.35 -13.39 -7.07
N ASN B 37 13.63 -14.65 -7.37
CA ASN B 37 12.70 -15.40 -8.22
C ASN B 37 11.54 -16.05 -7.44
N GLY B 38 11.36 -15.67 -6.18
CA GLY B 38 10.35 -16.24 -5.30
C GLY B 38 10.63 -17.57 -4.63
N GLU B 39 11.74 -18.26 -4.93
CA GLU B 39 12.06 -19.49 -4.22
C GLU B 39 12.52 -19.20 -2.79
N LYS B 40 12.02 -20.01 -1.88
CA LYS B 40 12.28 -19.88 -0.47
C LYS B 40 13.33 -20.93 -0.11
N LEU B 41 14.33 -20.50 0.65
CA LEU B 41 15.44 -21.31 1.08
C LEU B 41 15.38 -21.49 2.59
N TRP B 42 15.54 -22.74 3.04
CA TRP B 42 15.59 -23.08 4.44
C TRP B 42 17.09 -23.28 4.80
N VAL B 43 17.55 -22.62 5.84
CA VAL B 43 18.96 -22.66 6.22
C VAL B 43 19.17 -23.87 7.15
N VAL B 44 19.85 -24.88 6.66
CA VAL B 44 20.15 -26.07 7.44
C VAL B 44 21.58 -26.04 7.93
N GLN B 45 22.44 -25.24 7.28
CA GLN B 45 23.78 -25.02 7.86
C GLN B 45 24.18 -23.54 7.69
N HIS B 46 25.04 -23.05 8.56
CA HIS B 46 25.52 -21.69 8.44
C HIS B 46 26.93 -21.56 8.98
N ILE B 47 27.77 -20.81 8.27
CA ILE B 47 29.10 -20.41 8.72
C ILE B 47 29.07 -19.05 9.44
N VAL B 48 28.03 -18.25 9.22
CA VAL B 48 27.95 -16.94 9.86
C VAL B 48 26.61 -16.80 10.55
N PRO B 49 26.53 -15.91 11.54
CA PRO B 49 25.27 -15.66 12.25
C PRO B 49 24.14 -15.30 11.29
N TYR B 50 22.96 -15.88 11.51
CA TYR B 50 21.78 -15.52 10.74
C TYR B 50 20.45 -15.50 11.57
N ARG B 51 20.38 -16.12 12.74
CA ARG B 51 19.08 -16.26 13.45
C ARG B 51 18.37 -14.97 13.88
N ASP B 52 19.12 -13.89 13.94
CA ASP B 52 18.49 -12.65 14.39
CA ASP B 52 18.72 -12.56 14.37
C ASP B 52 18.13 -11.71 13.24
N LEU B 53 18.28 -12.20 12.00
CA LEU B 53 17.81 -11.48 10.86
C LEU B 53 16.30 -11.31 10.96
N LYS B 54 15.82 -10.17 10.50
CA LYS B 54 14.44 -9.79 10.60
C LYS B 54 13.81 -9.74 9.22
N ALA B 55 12.51 -9.99 9.19
CA ALA B 55 11.71 -9.98 7.98
C ALA B 55 11.85 -8.66 7.25
N GLY B 56 12.09 -8.72 5.96
CA GLY B 56 12.26 -7.52 5.16
C GLY B 56 13.72 -7.09 5.04
N GLU B 57 14.62 -7.66 5.84
CA GLU B 57 16.01 -7.29 5.68
C GLU B 57 16.48 -7.84 4.36
N ARG B 58 17.34 -7.10 3.70
CA ARG B 58 17.86 -7.52 2.42
C ARG B 58 19.32 -7.89 2.59
N ILE B 59 19.76 -8.99 1.97
CA ILE B 59 21.15 -9.40 2.00
C ILE B 59 21.71 -9.73 0.60
N PHE B 60 23.02 -9.65 0.48
CA PHE B 60 23.73 -10.11 -0.68
C PHE B 60 24.54 -11.24 -0.13
N GLY B 61 24.18 -12.46 -0.50
CA GLY B 61 24.67 -13.66 0.20
C GLY B 61 25.38 -14.70 -0.64
N ASN B 62 26.05 -15.60 0.07
CA ASN B 62 26.78 -16.73 -0.49
C ASN B 62 26.14 -18.02 0.03
N TYR B 63 25.51 -18.77 -0.86
CA TYR B 63 24.74 -19.95 -0.48
C TYR B 63 25.31 -21.18 -1.16
N SER B 64 25.34 -22.32 -0.45
CA SER B 64 25.49 -23.61 -1.11
C SER B 64 24.17 -24.35 -1.07
N PHE B 65 23.69 -24.74 -2.24
CA PHE B 65 22.46 -25.50 -2.37
C PHE B 65 22.72 -26.96 -2.12
N LEU B 66 22.23 -27.47 -0.99
CA LEU B 66 22.56 -28.84 -0.57
C LEU B 66 21.59 -29.87 -1.13
N GLU B 67 20.30 -29.57 -1.20
CA GLU B 67 19.35 -30.54 -1.70
C GLU B 67 17.98 -29.89 -1.79
N ALA B 68 17.00 -30.61 -2.35
CA ALA B 68 15.63 -30.12 -2.44
C ALA B 68 15.08 -30.04 -1.03
N GLY B 69 14.18 -29.10 -0.80
CA GLY B 69 13.69 -28.84 0.55
C GLY B 69 12.38 -29.54 0.82
N GLU B 70 11.45 -28.84 1.44
CA GLU B 70 10.25 -29.43 1.99
C GLU B 70 9.36 -28.30 2.40
N SER B 71 8.08 -28.60 2.61
CA SER B 71 7.17 -27.70 3.30
C SER B 71 7.07 -26.30 2.68
N GLY B 72 7.24 -26.24 1.35
CA GLY B 72 7.20 -24.97 0.61
C GLY B 72 8.58 -24.33 0.35
N PHE B 73 9.63 -24.90 0.94
CA PHE B 73 10.98 -24.42 0.71
C PHE B 73 11.57 -25.18 -0.45
N ALA B 74 11.94 -24.48 -1.52
CA ALA B 74 12.51 -25.12 -2.71
C ALA B 74 13.81 -25.89 -2.39
N TYR B 75 14.70 -25.27 -1.59
CA TYR B 75 16.00 -25.86 -1.22
C TYR B 75 16.36 -25.64 0.26
N ASN B 76 17.15 -26.57 0.76
CA ASN B 76 17.83 -26.45 2.02
C ASN B 76 19.24 -26.01 1.67
N ILE B 77 19.73 -24.96 2.32
CA ILE B 77 21.02 -24.40 1.96
C ILE B 77 22.00 -24.32 3.12
N ARG B 78 23.28 -24.19 2.79
CA ARG B 78 24.22 -23.65 3.77
C ARG B 78 24.38 -22.17 3.48
N LEU B 79 24.33 -21.35 4.51
CA LEU B 79 24.61 -19.95 4.39
C LEU B 79 26.09 -19.72 4.68
N ASN B 80 26.88 -19.53 3.62
CA ASN B 80 28.34 -19.37 3.76
C ASN B 80 28.72 -17.99 4.26
N ASP B 81 28.02 -16.95 3.83
CA ASP B 81 28.44 -15.59 4.12
C ASP B 81 27.32 -14.69 3.60
N TYR B 82 27.26 -13.47 4.09
CA TYR B 82 26.44 -12.42 3.47
C TYR B 82 26.83 -11.04 3.98
N THR B 83 26.38 -10.00 3.28
CA THR B 83 26.41 -8.64 3.81
C THR B 83 25.01 -8.05 3.74
N LEU B 84 24.68 -7.16 4.68
CA LEU B 84 23.39 -6.48 4.67
C LEU B 84 23.33 -5.44 3.55
N VAL B 85 22.19 -5.40 2.85
CA VAL B 85 21.97 -4.38 1.82
C VAL B 85 20.92 -3.37 2.26
N PRO B 86 21.29 -2.08 2.34
CA PRO B 86 20.26 -1.11 2.70
C PRO B 86 19.13 -1.09 1.68
N VAL B 87 17.92 -0.91 2.18
CA VAL B 87 16.72 -0.80 1.38
C VAL B 87 16.27 0.63 1.54
N GLN B 88 16.05 1.33 0.44
CA GLN B 88 15.63 2.71 0.46
C GLN B 88 14.31 2.85 -0.26
N LYS B 89 13.49 3.80 0.16
CA LYS B 89 12.24 4.12 -0.50
C LYS B 89 12.55 5.16 -1.60
N ILE B 90 11.73 5.13 -2.65
CA ILE B 90 11.67 6.19 -3.64
C ILE B 90 11.18 7.49 -2.99
N ILE B 91 11.71 8.63 -3.45
CA ILE B 91 11.27 9.93 -2.95
C ILE B 91 10.86 10.85 -4.11
N GLY B 92 10.17 11.94 -3.82
CA GLY B 92 9.75 12.88 -4.85
C GLY B 92 10.82 13.94 -4.96
N LEU B 93 11.15 14.30 -6.21
CA LEU B 93 12.13 15.34 -6.47
C LEU B 93 11.34 16.53 -6.96
N ASN B 94 11.51 17.67 -6.30
CA ASN B 94 10.80 18.86 -6.66
C ASN B 94 11.68 20.09 -6.59
N PRO B 95 11.17 21.28 -6.96
CA PRO B 95 12.04 22.48 -6.89
C PRO B 95 12.65 22.75 -5.53
N ASP B 96 11.94 22.47 -4.45
CA ASP B 96 12.42 22.81 -3.11
C ASP B 96 13.56 21.88 -2.62
N ASN B 97 13.47 20.61 -2.93
CA ASN B 97 14.51 19.67 -2.50
C ASN B 97 15.59 19.31 -3.55
N ASP B 99 18.16 20.85 -4.81
CA ASP B 99 19.53 21.17 -4.49
C ASP B 99 20.14 20.16 -3.52
N SER B 100 19.39 19.79 -2.46
CA SER B 100 19.85 18.79 -1.48
CA SER B 100 19.89 18.82 -1.49
C SER B 100 20.00 17.41 -2.10
N ILE B 101 19.13 17.07 -3.04
CA ILE B 101 19.21 15.74 -3.66
C ILE B 101 20.39 15.64 -4.62
N GLY B 102 20.62 16.68 -5.40
CA GLY B 102 21.80 16.75 -6.25
C GLY B 102 21.70 15.94 -7.54
N ASN B 103 22.72 16.03 -8.37
CA ASN B 103 22.83 15.19 -9.53
C ASN B 103 24.31 15.06 -9.92
N LYS B 105 27.95 13.19 -10.68
CA LYS B 105 28.34 12.05 -11.47
C LYS B 105 28.66 10.88 -10.53
N VAL B 106 28.20 9.70 -10.93
CA VAL B 106 28.35 8.51 -10.11
C VAL B 106 28.75 7.33 -11.00
N GLN B 107 29.54 6.42 -10.46
CA GLN B 107 29.98 5.24 -11.21
C GLN B 107 29.06 4.04 -10.91
N ILE B 108 28.27 3.62 -11.90
CA ILE B 108 27.44 2.43 -11.75
C ILE B 108 28.17 1.18 -12.19
N LYS B 109 28.26 0.18 -11.32
CA LYS B 109 28.80 -1.13 -11.73
C LYS B 109 27.70 -2.11 -12.18
N ASP B 110 26.57 -2.13 -11.49
CA ASP B 110 25.45 -2.95 -11.91
C ASP B 110 24.16 -2.24 -11.58
N TRP B 112 19.88 -3.47 -11.95
CA TRP B 112 18.83 -4.29 -12.48
C TRP B 112 17.62 -4.26 -11.58
N PRO B 113 16.43 -4.27 -12.18
CA PRO B 113 15.21 -4.41 -11.41
C PRO B 113 14.98 -5.89 -11.11
N SER B 114 14.38 -6.15 -9.96
CA SER B 114 13.76 -7.42 -9.65
C SER B 114 12.26 -7.10 -9.42
N ASP B 115 11.47 -8.10 -8.98
CA ASP B 115 10.03 -7.89 -8.76
C ASP B 115 9.75 -6.77 -7.77
N ASP B 116 10.59 -6.62 -6.76
CA ASP B 116 10.31 -5.63 -5.71
C ASP B 116 11.25 -4.40 -5.66
N TYR B 117 12.41 -4.49 -6.31
CA TYR B 117 13.50 -3.53 -6.10
C TYR B 117 14.20 -3.14 -7.38
N LEU B 118 14.77 -1.94 -7.39
CA LEU B 118 15.80 -1.65 -8.31
C LEU B 118 17.08 -1.86 -7.52
N ASN B 119 17.93 -2.72 -8.04
CA ASN B 119 19.17 -3.09 -7.36
C ASN B 119 20.34 -2.36 -8.03
N VAL B 120 21.14 -1.66 -7.24
CA VAL B 120 22.28 -0.94 -7.77
C VAL B 120 23.56 -1.26 -6.98
N ARG B 121 24.59 -1.67 -7.70
CA ARG B 121 25.93 -1.71 -7.15
C ARG B 121 26.67 -0.50 -7.77
N PHE B 122 27.30 0.30 -6.94
CA PHE B 122 27.88 1.55 -7.40
C PHE B 122 29.09 1.92 -6.55
N LEU B 124 30.99 4.85 -4.25
CA LEU B 124 30.76 6.06 -3.51
C LEU B 124 32.01 6.48 -2.81
N ASN B 125 32.08 7.77 -2.52
CA ASN B 125 33.22 8.34 -1.84
C ASN B 125 33.22 7.89 -0.40
N PHE B 126 34.38 7.53 0.12
CA PHE B 126 34.48 7.21 1.54
C PHE B 126 34.05 8.46 2.34
N PRO B 127 33.25 8.26 3.40
CA PRO B 127 32.76 9.45 4.11
C PRO B 127 33.89 10.27 4.78
N SER B 128 33.94 11.55 4.49
CA SER B 128 35.07 12.41 4.88
C SER B 128 34.59 13.86 5.05
N PRO B 129 33.76 14.09 6.08
CA PRO B 129 33.17 13.08 6.98
C PRO B 129 31.75 12.65 6.57
N GLN B 130 31.05 13.50 5.80
CA GLN B 130 29.64 13.25 5.49
C GLN B 130 29.45 11.95 4.65
N LYS B 131 28.42 11.18 4.96
CA LYS B 131 28.09 10.01 4.13
C LYS B 131 27.39 10.50 2.83
N PRO B 132 27.85 10.01 1.66
CA PRO B 132 27.15 10.34 0.42
C PRO B 132 25.75 9.69 0.36
N ILE B 133 24.88 10.24 -0.49
CA ILE B 133 23.53 9.68 -0.72
C ILE B 133 23.28 9.31 -2.19
N LEU B 134 22.60 8.19 -2.39
CA LEU B 134 22.13 7.77 -3.68
C LEU B 134 20.61 7.58 -3.51
N ASN B 135 19.85 8.41 -4.20
CA ASN B 135 18.40 8.34 -4.20
C ASN B 135 17.82 7.93 -5.54
N LEU B 136 16.62 7.35 -5.50
CA LEU B 136 15.86 7.01 -6.68
C LEU B 136 14.64 7.87 -6.59
N VAL B 137 14.46 8.74 -7.56
CA VAL B 137 13.41 9.75 -7.46
C VAL B 137 12.41 9.75 -8.64
N VAL B 138 11.22 10.23 -8.32
CA VAL B 138 10.27 10.69 -9.28
C VAL B 138 10.42 12.22 -9.45
N ASN B 139 10.70 12.62 -10.69
CA ASN B 139 10.95 14.01 -10.99
C ASN B 139 9.61 14.68 -11.18
N GLU B 140 9.24 15.50 -10.21
CA GLU B 140 7.95 16.18 -10.30
C GLU B 140 8.07 17.49 -11.04
N ILE B 142 8.89 17.69 -14.41
CA ILE B 142 8.71 17.42 -15.82
C ILE B 142 7.31 16.80 -16.09
N PRO B 143 6.79 16.97 -17.32
CA PRO B 143 5.47 16.44 -17.62
C PRO B 143 5.40 14.93 -17.54
N TRP B 144 4.16 14.46 -17.39
CA TRP B 144 3.77 13.09 -17.75
C TRP B 144 4.28 12.71 -19.12
N THR B 145 4.72 11.46 -19.17
CA THR B 145 4.80 10.70 -20.37
C THR B 145 3.58 9.79 -20.39
N LYS B 146 3.28 9.28 -21.57
CA LYS B 146 2.23 8.28 -21.71
C LYS B 146 2.77 7.21 -22.67
N ASP B 147 4.03 6.83 -22.45
CA ASP B 147 4.69 5.84 -23.30
C ASP B 147 4.63 4.47 -22.66
N GLY B 148 3.94 4.37 -21.54
CA GLY B 148 3.73 3.13 -20.86
C GLY B 148 4.87 2.69 -19.96
N TYR B 149 5.96 3.46 -19.91
CA TYR B 149 7.06 3.20 -19.03
C TYR B 149 7.03 4.03 -17.76
N ALA B 150 7.57 3.49 -16.69
CA ALA B 150 7.89 4.26 -15.51
C ALA B 150 9.13 5.07 -15.81
N HIS B 151 9.18 6.32 -15.34
CA HIS B 151 10.35 7.16 -15.49
C HIS B 151 10.84 7.59 -14.10
N LEU B 152 12.04 7.12 -13.75
CA LEU B 152 12.69 7.42 -12.47
C LEU B 152 14.09 7.94 -12.75
N GLU B 153 14.70 8.58 -11.75
CA GLU B 153 16.08 9.04 -11.90
C GLU B 153 16.89 8.66 -10.70
N LEU B 154 18.12 8.25 -10.91
CA LEU B 154 19.07 8.08 -9.83
C LEU B 154 19.80 9.37 -9.64
N ARG B 155 19.87 9.81 -8.40
CA ARG B 155 20.56 11.06 -8.04
C ARG B 155 21.60 10.81 -6.95
N TYR B 156 22.86 11.10 -7.25
CA TYR B 156 23.97 10.94 -6.32
C TYR B 156 24.40 12.28 -5.74
N ASN B 157 24.71 12.31 -4.46
CA ASN B 157 25.26 13.51 -3.84
C ASN B 157 26.36 13.05 -2.93
N ASN B 158 27.58 13.48 -3.19
CA ASN B 158 28.73 13.05 -2.34
C ASN B 158 28.73 13.77 -0.99
N ASN B 159 27.90 14.80 -0.87
CA ASN B 159 27.74 15.57 0.38
C ASN B 159 29.07 16.13 0.89
N GLY B 160 29.90 16.67 -0.01
CA GLY B 160 31.25 17.16 0.36
C GLY B 160 32.39 16.12 0.40
N SER B 161 32.07 14.83 0.39
CA SER B 161 33.11 13.79 0.45
C SER B 161 33.84 13.55 -0.87
N GLN B 162 35.13 13.79 -0.85
CA GLN B 162 35.98 13.59 -2.01
C GLN B 162 36.88 12.38 -1.81
N GLY B 163 36.67 11.65 -0.71
CA GLY B 163 37.45 10.46 -0.43
C GLY B 163 37.44 9.41 -1.53
N ARG B 164 38.38 8.49 -1.44
CA ARG B 164 38.54 7.41 -2.40
C ARG B 164 37.23 6.65 -2.56
N LEU B 165 37.03 6.14 -3.77
CA LEU B 165 35.81 5.44 -4.11
C LEU B 165 35.79 4.03 -3.51
N VAL B 166 34.66 3.66 -2.91
CA VAL B 166 34.44 2.29 -2.42
C VAL B 166 33.11 1.79 -2.89
N PRO B 167 32.98 0.45 -3.04
CA PRO B 167 31.80 -0.19 -3.53
C PRO B 167 30.64 -0.11 -2.56
N GLY B 168 29.43 0.05 -3.10
CA GLY B 168 28.23 0.03 -2.30
C GLY B 168 27.17 -0.71 -3.08
N VAL B 170 22.71 -1.02 -2.94
CA VAL B 170 21.44 -0.59 -2.38
C VAL B 170 20.32 -1.20 -3.20
N SER B 171 19.19 -1.43 -2.53
CA SER B 171 17.99 -1.86 -3.17
C SER B 171 16.92 -0.82 -2.91
N PHE B 172 16.34 -0.27 -3.98
CA PHE B 172 15.27 0.68 -3.85
C PHE B 172 13.93 -0.03 -4.04
N LYS B 173 13.01 0.16 -3.12
CA LYS B 173 11.66 -0.38 -3.28
C LYS B 173 10.86 0.32 -4.37
N LEU B 174 10.48 -0.45 -5.37
CA LEU B 174 9.82 0.08 -6.55
C LEU B 174 8.35 0.43 -6.36
N ASP B 175 7.65 -0.30 -5.51
CA ASP B 175 6.22 -0.09 -5.15
C ASP B 175 5.40 0.01 -6.41
N ASP B 176 4.81 1.17 -6.68
CA ASP B 176 3.92 1.32 -7.80
C ASP B 176 4.68 1.24 -9.11
N TYR B 177 6.01 1.35 -9.10
CA TYR B 177 6.79 1.32 -10.35
C TYR B 177 7.36 -0.09 -10.68
N SER B 178 6.90 -1.10 -9.95
CA SER B 178 7.43 -2.41 -10.06
C SER B 178 6.68 -3.18 -11.12
N PRO B 179 7.25 -4.30 -11.56
CA PRO B 179 6.57 -5.12 -12.57
C PRO B 179 5.25 -5.74 -12.12
N GLU B 180 4.92 -5.63 -10.83
CA GLU B 180 3.58 -6.04 -10.35
C GLU B 180 2.49 -5.05 -10.78
N ASN B 181 2.89 -3.87 -11.26
CA ASN B 181 1.97 -2.96 -11.89
C ASN B 181 1.73 -3.37 -13.33
N SER B 182 0.60 -4.00 -13.57
CA SER B 182 0.28 -4.58 -14.86
C SER B 182 0.12 -3.53 -15.99
N GLU B 183 0.10 -2.24 -15.68
CA GLU B 183 0.01 -1.23 -16.73
C GLU B 183 1.37 -0.73 -17.24
N LEU B 184 2.48 -1.18 -16.63
CA LEU B 184 3.79 -0.72 -17.04
C LEU B 184 4.43 -1.67 -18.05
N LYS B 185 4.96 -1.07 -19.11
CA LYS B 185 5.70 -1.79 -20.11
C LYS B 185 7.18 -1.95 -19.71
N GLY B 186 7.61 -1.23 -18.70
CA GLY B 186 9.00 -1.22 -18.31
C GLY B 186 9.33 -0.04 -17.45
N ILE B 187 10.60 0.13 -17.14
CA ILE B 187 11.07 1.25 -16.35
C ILE B 187 12.26 1.85 -17.05
N LYS B 188 12.35 3.18 -17.00
CA LYS B 188 13.51 3.89 -17.50
C LYS B 188 14.12 4.68 -16.33
N VAL B 189 15.44 4.59 -16.19
CA VAL B 189 16.19 5.19 -15.10
C VAL B 189 17.31 6.07 -15.66
N LEU B 190 17.18 7.36 -15.42
CA LEU B 190 18.17 8.32 -15.82
C LEU B 190 19.32 8.32 -14.80
N VAL B 191 20.54 8.27 -15.31
CA VAL B 191 21.78 8.31 -14.55
C VAL B 191 22.75 9.38 -15.09
N ASN B 192 23.45 10.06 -14.19
CA ASN B 192 24.54 10.94 -14.55
C ASN B 192 25.89 10.23 -14.32
N PRO B 193 26.49 9.64 -15.37
CA PRO B 193 27.67 8.78 -15.19
C PRO B 193 28.99 9.54 -15.10
N VAL B 194 30.00 8.99 -14.41
CA VAL B 194 31.27 9.71 -14.20
C VAL B 194 32.04 10.10 -15.46
N ASP B 195 32.14 9.19 -16.42
CA ASP B 195 33.09 9.46 -17.54
C ASP B 195 32.34 9.62 -18.87
N GLY B 196 31.11 10.12 -18.78
CA GLY B 196 30.22 10.17 -19.94
C GLY B 196 29.14 11.19 -19.71
N GLU B 197 27.99 10.99 -20.34
CA GLU B 197 26.91 11.98 -20.32
C GLU B 197 25.64 11.35 -19.80
N GLU B 198 24.70 12.15 -19.34
CA GLU B 198 23.46 11.61 -18.79
C GLU B 198 22.89 10.55 -19.71
N LYS B 199 22.52 9.40 -19.18
CA LYS B 199 21.94 8.36 -20.02
C LYS B 199 20.79 7.63 -19.38
N THR B 200 20.04 6.89 -20.20
CA THR B 200 18.87 6.16 -19.72
C THR B 200 19.11 4.65 -19.74
N TYR B 201 19.07 4.01 -18.59
CA TYR B 201 18.93 2.57 -18.52
C TYR B 201 17.44 2.23 -18.76
N ILE B 202 17.18 1.31 -19.68
CA ILE B 202 15.84 0.87 -20.01
C ILE B 202 15.71 -0.63 -19.66
N PHE B 203 14.66 -0.97 -18.95
CA PHE B 203 14.34 -2.38 -18.62
C PHE B 203 12.86 -2.61 -18.97
N SER B 204 12.61 -3.49 -19.92
CA SER B 204 11.25 -3.85 -20.24
C SER B 204 10.69 -4.79 -19.17
N TYR B 205 9.37 -4.70 -18.99
CA TYR B 205 8.62 -5.65 -18.16
C TYR B 205 7.82 -6.50 -19.13
N PRO B 206 7.63 -7.78 -18.82
CA PRO B 206 8.00 -8.51 -17.61
C PRO B 206 9.49 -8.85 -17.48
N LEU B 207 9.92 -9.19 -16.27
CA LEU B 207 11.28 -9.64 -16.04
C LEU B 207 11.40 -11.14 -16.26
N THR B 208 12.25 -11.53 -17.19
CA THR B 208 12.53 -12.95 -17.45
C THR B 208 13.63 -13.57 -16.59
N GLY B 209 14.38 -12.70 -15.90
CA GLY B 209 15.62 -13.09 -15.25
C GLY B 209 16.90 -12.78 -16.05
N GLU B 210 16.76 -12.36 -17.30
CA GLU B 210 17.93 -12.07 -18.15
C GLU B 210 18.65 -10.80 -17.72
N ASP B 211 18.02 -9.93 -16.94
CA ASP B 211 18.67 -8.70 -16.52
C ASP B 211 19.60 -8.90 -15.34
N VAL B 212 19.52 -10.04 -14.65
CA VAL B 212 20.24 -10.27 -13.40
C VAL B 212 21.71 -10.55 -13.69
N PRO B 213 22.63 -9.70 -13.20
CA PRO B 213 24.05 -10.00 -13.36
C PRO B 213 24.48 -11.24 -12.58
N GLY B 214 25.50 -11.90 -13.08
CA GLY B 214 26.27 -12.92 -12.36
C GLY B 214 27.36 -12.28 -11.49
N PHE B 215 27.54 -12.87 -10.31
CA PHE B 215 28.46 -12.39 -9.31
C PHE B 215 29.36 -13.52 -8.83
N ASN B 216 30.52 -13.16 -8.31
CA ASN B 216 31.44 -14.13 -7.71
C ASN B 216 31.75 -13.71 -6.27
N PRO B 217 32.42 -14.57 -5.51
CA PRO B 217 32.70 -14.23 -4.10
C PRO B 217 33.46 -12.90 -3.86
N LEU B 218 34.34 -12.52 -4.78
CA LEU B 218 35.02 -11.21 -4.68
C LEU B 218 34.02 -10.08 -4.54
N ASP B 219 32.94 -10.15 -5.32
CA ASP B 219 31.95 -9.05 -5.34
C ASP B 219 31.39 -8.85 -3.94
N LEU B 220 31.13 -9.95 -3.22
CA LEU B 220 30.59 -9.86 -1.85
C LEU B 220 31.67 -9.39 -0.84
N ALA B 221 32.85 -10.00 -0.88
CA ALA B 221 33.97 -9.57 -0.02
C ALA B 221 34.25 -8.06 -0.06
N GLU B 222 34.23 -7.48 -1.26
CA GLU B 222 34.47 -6.03 -1.43
C GLU B 222 33.52 -5.13 -0.64
N LEU B 223 32.30 -5.62 -0.37
CA LEU B 223 31.28 -4.81 0.28
C LEU B 223 31.37 -4.83 1.81
N LYS B 224 32.13 -5.74 2.38
CA LYS B 224 32.22 -5.83 3.84
C LYS B 224 33.19 -4.80 4.36
#